data_4HMW
#
_entry.id   4HMW
#
_cell.length_a   94.416
_cell.length_b   94.416
_cell.length_c   51.751
_cell.angle_alpha   90.000
_cell.angle_beta   90.000
_cell.angle_gamma   120.000
#
_symmetry.space_group_name_H-M   'P 31'
#
loop_
_entity.id
_entity.type
_entity.pdbx_description
1 polymer "Pyridoxamine 5'-phosphate oxidase"
2 non-polymer 'FLAVIN MONONUCLEOTIDE'
3 water water
#
_entity_poly.entity_id   1
_entity_poly.type   'polypeptide(L)'
_entity_poly.pdbx_seq_one_letter_code
;GSHMNTSRFESLTGSVDVLFPEYDDPPSEPITLLKRWLATADVARVREPKALALATATSDGRISSRVIAFSSIDDRGVIF
CTHSTSRKGRELTETGWASGLLYWRETGQQIMISGQAVPLEESENDKLWFGRSVPMHAMSSASHQSDELVDREALRAHAA
ELLALGVALPRPPRFVGYRLEPHEMEFWAASSDRLHRRLRYERDGNDWKTTQLQP
;
_entity_poly.pdbx_strand_id   A,B
#
loop_
_chem_comp.id
_chem_comp.type
_chem_comp.name
_chem_comp.formula
FMN non-polymer 'FLAVIN MONONUCLEOTIDE' 'C17 H21 N4 O9 P'
#
# COMPACT_ATOMS: atom_id res chain seq x y z
N GLY A 14 10.09 -17.11 11.53
CA GLY A 14 8.92 -16.71 12.29
C GLY A 14 7.91 -15.88 11.50
N SER A 15 7.98 -15.97 10.17
CA SER A 15 7.08 -15.21 9.32
C SER A 15 5.81 -15.99 8.95
N VAL A 16 5.69 -17.20 9.47
CA VAL A 16 4.50 -18.00 9.23
C VAL A 16 3.97 -18.57 10.54
N ASP A 17 2.66 -18.78 10.60
CA ASP A 17 2.02 -19.44 11.74
C ASP A 17 2.17 -18.66 13.03
N VAL A 18 2.19 -17.33 12.96
CA VAL A 18 2.18 -16.48 14.14
C VAL A 18 0.89 -16.76 14.95
N LEU A 19 0.95 -16.60 16.27
CA LEU A 19 -0.21 -16.84 17.14
C LEU A 19 -1.32 -15.84 16.85
N PHE A 20 -2.55 -16.35 16.77
CA PHE A 20 -3.70 -15.55 16.37
C PHE A 20 -4.97 -16.14 17.00
N PRO A 21 -5.00 -16.22 18.35
CA PRO A 21 -6.16 -16.80 19.02
C PRO A 21 -7.44 -16.01 18.74
N GLU A 22 -7.30 -14.72 18.43
CA GLU A 22 -8.46 -13.88 18.12
C GLU A 22 -9.16 -14.25 16.82
N TYR A 23 -8.50 -15.02 15.96
CA TYR A 23 -9.10 -15.49 14.71
C TYR A 23 -10.43 -16.19 15.03
N ASP A 24 -10.43 -16.97 16.10
CA ASP A 24 -11.63 -17.70 16.54
C ASP A 24 -12.39 -17.01 17.66
N ASP A 25 -11.78 -16.02 18.31
CA ASP A 25 -12.44 -15.25 19.37
C ASP A 25 -12.13 -13.76 19.26
N PRO A 26 -12.80 -13.07 18.33
CA PRO A 26 -12.45 -11.68 18.00
C PRO A 26 -12.95 -10.63 19.01
N PRO A 27 -12.11 -9.64 19.32
CA PRO A 27 -12.53 -8.54 20.21
C PRO A 27 -13.74 -7.80 19.62
N SER A 28 -14.58 -7.19 20.47
CA SER A 28 -15.76 -6.47 19.98
C SER A 28 -15.41 -5.36 19.01
N GLU A 29 -14.30 -4.68 19.28
CA GLU A 29 -13.84 -3.56 18.46
C GLU A 29 -12.52 -3.92 17.72
N PRO A 30 -12.47 -3.67 16.42
CA PRO A 30 -11.26 -4.04 15.68
C PRO A 30 -10.02 -3.19 16.07
N ILE A 31 -10.22 -1.96 16.52
CA ILE A 31 -9.07 -1.15 16.92
C ILE A 31 -8.34 -1.81 18.10
N THR A 32 -9.08 -2.55 18.93
CA THR A 32 -8.44 -3.30 20.00
C THR A 32 -7.41 -4.31 19.46
N LEU A 33 -7.79 -5.03 18.41
CA LEU A 33 -6.88 -6.01 17.82
C LEU A 33 -5.71 -5.30 17.09
N LEU A 34 -5.99 -4.16 16.46
CA LEU A 34 -4.95 -3.39 15.79
C LEU A 34 -3.87 -3.00 16.79
N LYS A 35 -4.29 -2.49 17.95
CA LYS A 35 -3.30 -2.09 18.98
C LYS A 35 -2.49 -3.29 19.54
N ARG A 36 -3.18 -4.42 19.75
CA ARG A 36 -2.51 -5.63 20.20
C ARG A 36 -1.45 -6.11 19.18
N TRP A 37 -1.82 -6.12 17.91
CA TRP A 37 -0.89 -6.52 16.85
C TRP A 37 0.33 -5.58 16.76
N LEU A 38 0.09 -4.28 16.85
CA LEU A 38 1.20 -3.34 16.82
C LEU A 38 2.14 -3.55 18.03
N ALA A 39 1.58 -3.94 19.18
CA ALA A 39 2.42 -4.16 20.36
C ALA A 39 3.28 -5.41 20.14
N THR A 40 2.70 -6.45 19.54
CA THR A 40 3.48 -7.66 19.30
CA THR A 40 3.47 -7.66 19.30
C THR A 40 4.54 -7.40 18.26
N ALA A 41 4.23 -6.54 17.29
CA ALA A 41 5.20 -6.15 16.26
C ALA A 41 6.42 -5.45 16.87
N ASP A 42 6.17 -4.63 17.88
CA ASP A 42 7.25 -3.97 18.58
C ASP A 42 8.12 -4.99 19.31
N VAL A 43 7.51 -6.01 19.90
CA VAL A 43 8.30 -7.02 20.60
C VAL A 43 9.14 -7.83 19.60
N ALA A 44 8.58 -8.10 18.42
CA ALA A 44 9.27 -8.83 17.36
C ALA A 44 10.28 -7.96 16.60
N ARG A 45 10.37 -6.68 16.95
CA ARG A 45 11.31 -5.77 16.32
C ARG A 45 11.08 -5.65 14.82
N VAL A 46 9.80 -5.60 14.46
CA VAL A 46 9.43 -5.33 13.07
C VAL A 46 10.01 -3.98 12.64
N ARG A 47 10.61 -3.92 11.45
CA ARG A 47 11.14 -2.64 10.96
C ARG A 47 10.03 -1.76 10.38
N GLU A 48 9.95 -0.54 10.90
CA GLU A 48 8.91 0.44 10.50
C GLU A 48 7.50 -0.14 10.42
N PRO A 49 6.96 -0.59 11.55
CA PRO A 49 5.65 -1.26 11.50
C PRO A 49 4.54 -0.31 11.17
N LYS A 50 4.73 0.99 11.38
CA LYS A 50 3.65 1.96 11.20
C LYS A 50 3.64 2.55 9.80
N ALA A 51 4.48 2.02 8.91
CA ALA A 51 4.51 2.52 7.52
C ALA A 51 3.30 1.98 6.76
N LEU A 52 2.35 2.85 6.57
CA LEU A 52 1.03 2.52 6.05
C LEU A 52 0.99 2.87 4.57
N ALA A 53 0.58 1.93 3.71
CA ALA A 53 0.40 2.26 2.31
C ALA A 53 -0.98 2.85 2.22
N LEU A 54 -1.07 4.14 1.99
CA LEU A 54 -2.33 4.86 2.04
C LEU A 54 -2.80 5.19 0.63
N ALA A 55 -3.95 4.61 0.27
CA ALA A 55 -4.58 4.87 -1.02
C ALA A 55 -5.72 5.83 -0.84
N THR A 56 -5.86 6.72 -1.84
CA THR A 56 -6.93 7.70 -1.90
C THR A 56 -7.35 7.76 -3.37
N ALA A 57 -8.46 8.44 -3.65
CA ALA A 57 -8.94 8.55 -5.01
C ALA A 57 -9.53 9.90 -5.31
N THR A 58 -9.42 10.29 -6.57
CA THR A 58 -10.17 11.41 -7.07
C THR A 58 -11.60 10.98 -7.49
N SER A 59 -12.48 11.95 -7.72
CA SER A 59 -13.88 11.60 -7.97
C SER A 59 -14.08 10.74 -9.23
N ASP A 60 -13.25 10.94 -10.25
CA ASP A 60 -13.40 10.17 -11.49
C ASP A 60 -12.97 8.71 -11.32
N GLY A 61 -12.35 8.39 -10.19
CA GLY A 61 -12.10 7.03 -9.79
C GLY A 61 -10.63 6.61 -9.80
N ARG A 62 -9.77 7.40 -10.45
CA ARG A 62 -8.33 7.10 -10.40
C ARG A 62 -7.83 7.08 -8.95
N ILE A 63 -7.09 6.04 -8.64
CA ILE A 63 -6.56 5.80 -7.30
C ILE A 63 -5.07 6.13 -7.28
N SER A 64 -4.62 6.74 -6.18
CA SER A 64 -3.20 7.00 -5.94
C SER A 64 -2.77 6.42 -4.59
N SER A 65 -1.47 6.25 -4.39
CA SER A 65 -0.95 5.64 -3.17
CA SER A 65 -1.00 5.70 -3.14
C SER A 65 0.38 6.26 -2.75
N ARG A 66 0.67 6.22 -1.46
CA ARG A 66 1.97 6.64 -0.92
C ARG A 66 2.12 6.10 0.48
N VAL A 67 3.36 5.99 0.96
CA VAL A 67 3.60 5.61 2.36
C VAL A 67 3.31 6.77 3.31
N ILE A 68 2.64 6.47 4.40
CA ILE A 68 2.42 7.40 5.51
C ILE A 68 2.78 6.69 6.82
N ALA A 69 3.64 7.27 7.63
CA ALA A 69 3.89 6.75 8.94
C ALA A 69 2.85 7.37 9.87
N PHE A 70 1.84 6.61 10.27
CA PHE A 70 0.79 7.21 11.08
C PHE A 70 1.32 7.68 12.42
N SER A 71 0.65 8.67 12.98
CA SER A 71 1.11 9.34 14.19
CA SER A 71 1.11 9.31 14.19
C SER A 71 0.66 8.60 15.45
N SER A 72 -0.61 8.20 15.49
CA SER A 72 -1.16 7.53 16.64
C SER A 72 -2.48 6.84 16.32
N ILE A 73 -3.03 6.13 17.31
CA ILE A 73 -4.31 5.46 17.19
C ILE A 73 -5.14 5.81 18.39
N ASP A 74 -6.39 6.17 18.17
CA ASP A 74 -7.29 6.35 19.32
C ASP A 74 -8.51 5.46 19.09
N ASP A 75 -9.47 5.48 20.01
CA ASP A 75 -10.59 4.56 19.90
C ASP A 75 -11.45 4.75 18.65
N ARG A 76 -11.29 5.88 17.96
CA ARG A 76 -12.11 6.18 16.79
CA ARG A 76 -12.11 6.18 16.79
C ARG A 76 -11.38 5.97 15.45
N GLY A 77 -10.07 5.77 15.48
CA GLY A 77 -9.34 5.56 14.24
C GLY A 77 -7.85 5.85 14.26
N VAL A 78 -7.26 5.91 13.06
CA VAL A 78 -5.83 6.09 12.92
CA VAL A 78 -5.82 6.09 12.92
C VAL A 78 -5.51 7.52 12.50
N ILE A 79 -4.64 8.16 13.26
CA ILE A 79 -4.28 9.55 13.05
C ILE A 79 -3.03 9.69 12.19
N PHE A 80 -3.12 10.52 11.15
CA PHE A 80 -1.95 10.87 10.36
C PHE A 80 -1.97 12.37 9.96
N CYS A 81 -0.82 12.88 9.57
CA CYS A 81 -0.74 14.27 9.16
CA CYS A 81 -0.66 14.28 9.17
C CYS A 81 -0.11 14.40 7.78
N THR A 82 -0.45 15.49 7.11
CA THR A 82 0.05 15.75 5.77
C THR A 82 -0.24 17.21 5.39
N HIS A 83 0.09 17.61 4.16
CA HIS A 83 -0.23 18.95 3.67
C HIS A 83 -1.58 18.90 2.97
N SER A 84 -2.49 19.80 3.33
CA SER A 84 -3.81 19.73 2.72
C SER A 84 -3.80 20.02 1.22
N THR A 85 -2.76 20.70 0.75
CA THR A 85 -2.61 21.09 -0.64
C THR A 85 -1.83 20.04 -1.48
N SER A 86 -1.35 18.99 -0.82
CA SER A 86 -0.75 17.86 -1.48
C SER A 86 -1.77 17.14 -2.35
N ARG A 87 -1.28 16.21 -3.14
CA ARG A 87 -2.16 15.44 -4.01
C ARG A 87 -3.14 14.60 -3.19
N LYS A 88 -2.67 13.98 -2.10
CA LYS A 88 -3.55 13.17 -1.26
C LYS A 88 -4.50 14.09 -0.52
N GLY A 89 -4.01 15.27 -0.19
CA GLY A 89 -4.85 16.23 0.50
C GLY A 89 -6.06 16.61 -0.33
N ARG A 90 -5.83 16.87 -1.60
CA ARG A 90 -6.91 17.29 -2.47
CA ARG A 90 -6.92 17.29 -2.47
C ARG A 90 -7.91 16.14 -2.66
N GLU A 91 -7.39 14.94 -2.72
CA GLU A 91 -8.25 13.76 -2.92
C GLU A 91 -9.08 13.45 -1.67
N LEU A 92 -8.48 13.59 -0.48
CA LEU A 92 -9.20 13.42 0.76
C LEU A 92 -10.34 14.43 0.88
N THR A 93 -10.10 15.67 0.43
CA THR A 93 -11.12 16.70 0.49
C THR A 93 -12.24 16.39 -0.50
N GLU A 94 -11.85 15.87 -1.67
CA GLU A 94 -12.79 15.59 -2.76
CA GLU A 94 -12.79 15.60 -2.75
C GLU A 94 -13.72 14.42 -2.45
N THR A 95 -13.18 13.31 -1.96
CA THR A 95 -13.97 12.07 -1.81
C THR A 95 -14.00 11.50 -0.39
N GLY A 96 -13.00 11.82 0.43
CA GLY A 96 -12.95 11.32 1.80
C GLY A 96 -12.48 9.89 2.00
N TRP A 97 -12.61 9.05 1.00
CA TRP A 97 -12.32 7.63 1.16
C TRP A 97 -10.82 7.38 1.21
N ALA A 98 -10.41 6.45 2.05
CA ALA A 98 -9.01 6.07 2.10
C ALA A 98 -8.90 4.63 2.55
N SER A 99 -7.80 3.99 2.16
CA SER A 99 -7.52 2.63 2.60
C SER A 99 -6.05 2.59 2.92
N GLY A 100 -5.76 2.18 4.14
CA GLY A 100 -4.39 2.04 4.60
C GLY A 100 -4.01 0.59 4.82
N LEU A 101 -2.81 0.21 4.37
CA LEU A 101 -2.37 -1.17 4.50
C LEU A 101 -1.02 -1.27 5.22
N LEU A 102 -1.03 -2.03 6.30
CA LEU A 102 0.21 -2.42 6.98
C LEU A 102 0.62 -3.82 6.55
N TYR A 103 1.91 -4.03 6.38
CA TYR A 103 2.41 -5.37 6.04
C TYR A 103 3.77 -5.54 6.71
N TRP A 104 3.85 -6.54 7.58
CA TRP A 104 5.07 -6.86 8.33
C TRP A 104 5.69 -8.16 7.82
N ARG A 105 6.73 -8.02 7.01
CA ARG A 105 7.42 -9.18 6.41
C ARG A 105 7.94 -10.14 7.48
N GLU A 106 8.44 -9.60 8.59
CA GLU A 106 8.99 -10.44 9.64
C GLU A 106 7.99 -11.45 10.26
N THR A 107 6.71 -11.11 10.29
CA THR A 107 5.74 -11.94 10.99
C THR A 107 4.63 -12.48 10.07
N GLY A 108 4.68 -12.14 8.79
CA GLY A 108 3.66 -12.59 7.86
C GLY A 108 2.27 -12.06 8.18
N GLN A 109 2.20 -10.79 8.55
CA GLN A 109 0.92 -10.17 8.89
C GLN A 109 0.61 -8.95 8.03
N GLN A 110 -0.66 -8.86 7.64
CA GLN A 110 -1.24 -7.63 7.03
C GLN A 110 -2.40 -7.12 7.82
N ILE A 111 -2.56 -5.80 7.87
CA ILE A 111 -3.79 -5.17 8.36
C ILE A 111 -4.29 -4.13 7.40
N MET A 112 -5.54 -4.28 7.00
CA MET A 112 -6.17 -3.33 6.09
C MET A 112 -7.16 -2.48 6.86
N ILE A 113 -7.05 -1.18 6.75
CA ILE A 113 -7.95 -0.25 7.45
C ILE A 113 -8.57 0.66 6.42
N SER A 114 -9.85 0.51 6.17
CA SER A 114 -10.54 1.28 5.14
CA SER A 114 -10.54 1.28 5.14
C SER A 114 -11.70 2.06 5.75
N GLY A 115 -11.84 3.33 5.39
CA GLY A 115 -12.96 4.11 5.85
C GLY A 115 -12.85 5.53 5.32
N GLN A 116 -13.37 6.48 6.09
CA GLN A 116 -13.38 7.88 5.73
C GLN A 116 -12.29 8.56 6.53
N ALA A 117 -11.55 9.44 5.88
CA ALA A 117 -10.57 10.29 6.56
C ALA A 117 -11.24 11.59 6.92
N VAL A 118 -11.35 11.82 8.22
CA VAL A 118 -12.03 13.00 8.76
C VAL A 118 -11.00 14.02 9.23
N PRO A 119 -11.09 15.25 8.73
CA PRO A 119 -10.17 16.28 9.21
C PRO A 119 -10.26 16.52 10.72
N LEU A 120 -9.10 16.65 11.36
CA LEU A 120 -9.09 16.98 12.76
C LEU A 120 -9.36 18.48 13.01
N GLU A 121 -9.63 18.81 14.27
CA GLU A 121 -9.84 20.20 14.70
C GLU A 121 -8.50 20.94 14.77
N GLU A 122 -8.54 22.26 14.81
CA GLU A 122 -7.29 23.03 14.75
C GLU A 122 -6.42 22.79 15.97
N SER A 123 -7.01 22.58 17.14
CA SER A 123 -6.21 22.33 18.36
C SER A 123 -5.44 21.01 18.21
N GLU A 124 -6.08 20.03 17.56
CA GLU A 124 -5.47 18.74 17.29
C GLU A 124 -4.37 18.86 16.25
N ASN A 125 -4.57 19.71 15.26
CA ASN A 125 -3.54 19.99 14.27
C ASN A 125 -2.32 20.63 14.92
N ASP A 126 -2.55 21.56 15.84
CA ASP A 126 -1.45 22.22 16.55
C ASP A 126 -0.64 21.22 17.35
N LYS A 127 -1.32 20.32 18.04
CA LYS A 127 -0.66 19.31 18.84
C LYS A 127 0.21 18.42 17.95
N LEU A 128 -0.32 18.00 16.80
CA LEU A 128 0.46 17.18 15.88
C LEU A 128 1.72 17.90 15.40
N TRP A 129 1.61 19.18 15.07
CA TRP A 129 2.78 19.93 14.63
C TRP A 129 3.80 20.06 15.76
N PHE A 130 3.33 20.45 16.95
CA PHE A 130 4.21 20.69 18.10
C PHE A 130 4.96 19.46 18.49
N GLY A 131 4.41 18.29 18.20
CA GLY A 131 5.06 17.04 18.56
C GLY A 131 6.30 16.73 17.74
N ARG A 132 6.51 17.40 16.61
CA ARG A 132 7.56 17.01 15.68
C ARG A 132 8.86 17.78 15.93
N SER A 133 9.93 17.35 15.26
CA SER A 133 11.25 17.90 15.52
C SER A 133 11.50 19.22 14.80
N VAL A 134 12.52 19.95 15.26
CA VAL A 134 12.96 21.17 14.61
C VAL A 134 13.34 21.01 13.11
N PRO A 135 14.16 20.03 12.74
CA PRO A 135 14.42 19.89 11.29
C PRO A 135 13.18 19.53 10.48
N MET A 136 12.28 18.73 11.05
CA MET A 136 11.06 18.45 10.34
C MET A 136 10.27 19.73 10.02
N HIS A 137 10.15 20.59 11.03
CA HIS A 137 9.42 21.83 10.88
C HIS A 137 9.97 22.68 9.77
N ALA A 138 11.29 22.75 9.68
CA ALA A 138 11.90 23.62 8.67
C ALA A 138 11.57 23.20 7.22
N MET A 139 11.76 21.92 6.88
CA MET A 139 11.48 21.48 5.51
C MET A 139 9.95 21.47 5.26
N SER A 140 9.15 21.09 6.26
CA SER A 140 7.71 21.06 6.08
CA SER A 140 7.71 21.06 6.10
C SER A 140 7.14 22.47 5.87
N SER A 141 7.75 23.48 6.50
CA SER A 141 7.36 24.87 6.28
CA SER A 141 7.32 24.85 6.25
C SER A 141 7.83 25.39 4.92
N ALA A 142 9.00 24.92 4.50
CA ALA A 142 9.60 25.42 3.25
C ALA A 142 8.93 24.82 2.00
N SER A 143 8.57 23.54 2.11
CA SER A 143 8.08 22.77 0.96
C SER A 143 6.57 22.82 0.84
N HIS A 144 6.07 22.99 -0.38
CA HIS A 144 4.67 22.83 -0.68
C HIS A 144 4.50 21.46 -1.31
N GLN A 145 4.23 20.50 -0.45
CA GLN A 145 4.23 19.11 -0.78
C GLN A 145 3.46 18.79 -2.06
N SER A 146 4.15 18.16 -2.99
CA SER A 146 3.56 17.69 -4.24
C SER A 146 3.38 18.73 -5.36
N ASP A 147 3.56 20.00 -5.05
CA ASP A 147 3.70 21.02 -6.10
C ASP A 147 4.98 20.73 -6.89
N GLU A 148 5.02 21.22 -8.12
CA GLU A 148 6.22 21.10 -8.92
C GLU A 148 7.40 21.77 -8.22
N LEU A 149 8.52 21.07 -8.21
CA LEU A 149 9.77 21.62 -7.72
C LEU A 149 10.42 22.42 -8.83
N VAL A 150 10.56 23.71 -8.57
CA VAL A 150 11.14 24.65 -9.51
C VAL A 150 12.69 24.67 -9.42
N ASP A 151 13.21 24.63 -8.20
CA ASP A 151 14.65 24.84 -8.01
C ASP A 151 15.05 24.14 -6.73
N ARG A 152 15.72 23.00 -6.85
CA ARG A 152 16.15 22.19 -5.71
C ARG A 152 17.02 23.00 -4.75
N GLU A 153 17.97 23.76 -5.29
CA GLU A 153 18.93 24.47 -4.46
C GLU A 153 18.21 25.54 -3.66
N ALA A 154 17.25 26.22 -4.30
CA ALA A 154 16.51 27.27 -3.61
C ALA A 154 15.68 26.70 -2.45
N LEU A 155 15.11 25.50 -2.65
CA LEU A 155 14.28 24.94 -1.59
C LEU A 155 15.15 24.49 -0.42
N ARG A 156 16.30 23.88 -0.71
CA ARG A 156 17.24 23.54 0.35
C ARG A 156 17.63 24.78 1.14
N ALA A 157 17.98 25.85 0.43
CA ALA A 157 18.46 27.03 1.13
C ALA A 157 17.36 27.65 1.99
N HIS A 158 16.12 27.62 1.50
CA HIS A 158 14.99 28.18 2.26
C HIS A 158 14.74 27.39 3.55
N ALA A 159 14.78 26.06 3.45
CA ALA A 159 14.63 25.21 4.63
C ALA A 159 15.74 25.52 5.65
N ALA A 160 16.97 25.68 5.16
CA ALA A 160 18.08 26.01 6.05
C ALA A 160 17.93 27.38 6.70
N GLU A 161 17.45 28.38 5.96
CA GLU A 161 17.21 29.70 6.54
C GLU A 161 16.12 29.64 7.63
N LEU A 162 15.04 28.87 7.40
CA LEU A 162 14.00 28.68 8.39
C LEU A 162 14.54 28.00 9.63
N LEU A 163 15.36 26.97 9.44
CA LEU A 163 15.96 26.29 10.56
C LEU A 163 16.80 27.27 11.37
N ALA A 164 17.51 28.14 10.68
CA ALA A 164 18.43 29.06 11.36
C ALA A 164 17.69 30.13 12.18
N LEU A 165 16.41 30.34 11.90
CA LEU A 165 15.69 31.32 12.72
C LEU A 165 15.94 30.94 14.19
N GLY A 166 16.15 29.63 14.42
CA GLY A 166 16.55 29.13 15.72
C GLY A 166 15.47 29.17 16.79
N VAL A 167 14.22 29.28 16.35
CA VAL A 167 13.10 29.27 17.24
C VAL A 167 12.06 28.34 16.68
N ALA A 168 11.15 27.92 17.56
CA ALA A 168 9.99 27.12 17.19
C ALA A 168 9.17 27.75 16.06
N LEU A 169 8.97 27.02 15.00
CA LEU A 169 8.25 27.57 13.85
C LEU A 169 6.75 27.30 14.01
N PRO A 170 5.92 28.25 13.60
CA PRO A 170 4.49 28.03 13.75
C PRO A 170 3.96 27.03 12.75
N ARG A 171 2.75 26.54 13.01
CA ARG A 171 2.18 25.55 12.12
C ARG A 171 1.72 26.23 10.82
N PRO A 172 2.23 25.79 9.66
CA PRO A 172 1.66 26.30 8.40
C PRO A 172 0.19 25.90 8.31
N PRO A 173 -0.65 26.78 7.78
CA PRO A 173 -2.07 26.40 7.66
C PRO A 173 -2.33 25.12 6.86
N ARG A 174 -1.47 24.80 5.90
CA ARG A 174 -1.68 23.59 5.12
C ARG A 174 -1.30 22.31 5.89
N PHE A 175 -0.61 22.44 7.03
CA PHE A 175 -0.22 21.25 7.79
C PHE A 175 -1.41 20.81 8.65
N VAL A 176 -1.98 19.66 8.31
CA VAL A 176 -3.21 19.22 8.95
C VAL A 176 -3.21 17.75 9.29
N GLY A 177 -4.06 17.39 10.24
CA GLY A 177 -4.26 15.98 10.54
C GLY A 177 -5.61 15.47 10.10
N TYR A 178 -5.67 14.14 9.99
CA TYR A 178 -6.87 13.43 9.63
CA TYR A 178 -6.87 13.43 9.63
C TYR A 178 -6.98 12.21 10.54
N ARG A 179 -8.21 11.77 10.77
CA ARG A 179 -8.46 10.53 11.48
C ARG A 179 -9.14 9.62 10.49
N LEU A 180 -8.45 8.53 10.17
CA LEU A 180 -9.04 7.48 9.36
C LEU A 180 -9.96 6.64 10.22
N GLU A 181 -11.27 6.80 10.02
CA GLU A 181 -12.28 6.13 10.83
C GLU A 181 -12.67 4.88 10.08
N PRO A 182 -12.39 3.70 10.66
CA PRO A 182 -12.63 2.49 9.87
C PRO A 182 -14.09 2.16 9.66
N HIS A 183 -14.39 1.76 8.43
CA HIS A 183 -15.67 1.17 8.08
C HIS A 183 -15.49 -0.36 7.97
N GLU A 184 -14.30 -0.79 7.58
CA GLU A 184 -13.96 -2.21 7.52
C GLU A 184 -12.48 -2.35 7.83
N MET A 185 -12.13 -3.48 8.45
CA MET A 185 -10.74 -3.79 8.73
C MET A 185 -10.52 -5.27 8.51
N GLU A 186 -9.36 -5.63 7.95
CA GLU A 186 -9.03 -7.05 7.77
C GLU A 186 -7.68 -7.33 8.38
N PHE A 187 -7.62 -8.45 9.07
CA PHE A 187 -6.39 -8.96 9.65
C PHE A 187 -6.01 -10.26 8.94
N TRP A 188 -4.78 -10.36 8.50
CA TRP A 188 -4.31 -11.51 7.71
C TRP A 188 -3.02 -12.01 8.32
N ALA A 189 -2.95 -13.32 8.55
CA ALA A 189 -1.75 -13.93 9.10
C ALA A 189 -1.41 -15.18 8.29
N ALA A 190 -0.18 -15.21 7.78
CA ALA A 190 0.26 -16.28 6.89
C ALA A 190 0.32 -17.61 7.62
N SER A 191 0.09 -18.67 6.84
CA SER A 191 0.07 -20.04 7.33
CA SER A 191 0.04 -20.04 7.33
C SER A 191 0.92 -20.89 6.42
N SER A 192 1.75 -21.75 7.01
CA SER A 192 2.67 -22.57 6.24
C SER A 192 1.94 -23.53 5.32
N ASP A 193 0.72 -23.92 5.67
CA ASP A 193 -0.10 -24.79 4.81
C ASP A 193 -0.97 -24.03 3.77
N ARG A 194 -0.72 -22.73 3.63
CA ARG A 194 -1.41 -21.86 2.67
C ARG A 194 -2.85 -21.50 3.03
N LEU A 195 -3.38 -22.09 4.09
CA LEU A 195 -4.72 -21.71 4.57
C LEU A 195 -4.60 -20.52 5.53
N HIS A 196 -4.38 -19.36 4.96
CA HIS A 196 -4.12 -18.17 5.77
C HIS A 196 -5.32 -17.81 6.65
N ARG A 197 -5.02 -17.25 7.81
CA ARG A 197 -6.03 -16.79 8.75
C ARG A 197 -6.45 -15.39 8.32
N ARG A 198 -7.72 -15.22 7.96
CA ARG A 198 -8.27 -13.93 7.55
C ARG A 198 -9.48 -13.63 8.39
N LEU A 199 -9.44 -12.51 9.10
CA LEU A 199 -10.54 -12.04 9.91
C LEU A 199 -10.98 -10.66 9.43
N ARG A 200 -12.24 -10.56 9.01
CA ARG A 200 -12.79 -9.31 8.49
C ARG A 200 -13.84 -8.71 9.44
N TYR A 201 -13.68 -7.42 9.74
CA TYR A 201 -14.66 -6.64 10.46
C TYR A 201 -15.33 -5.67 9.50
N GLU A 202 -16.66 -5.60 9.50
CA GLU A 202 -17.33 -4.56 8.73
C GLU A 202 -18.47 -3.96 9.52
N ARG A 203 -18.76 -2.69 9.22
CA ARG A 203 -19.92 -2.05 9.82
C ARG A 203 -21.19 -2.55 9.19
N ASP A 204 -22.09 -3.05 10.04
CA ASP A 204 -23.41 -3.51 9.63
C ASP A 204 -24.43 -2.66 10.38
N GLY A 205 -24.90 -1.60 9.73
CA GLY A 205 -25.68 -0.61 10.43
C GLY A 205 -24.79 -0.06 11.53
N ASN A 206 -25.21 -0.18 12.79
CA ASN A 206 -24.42 0.39 13.88
C ASN A 206 -23.12 -0.30 14.12
N ASP A 207 -23.18 -1.61 14.42
CA ASP A 207 -22.03 -2.23 15.03
C ASP A 207 -21.22 -3.12 14.08
N TRP A 208 -20.33 -3.92 14.65
CA TRP A 208 -19.38 -4.68 13.85
C TRP A 208 -19.87 -6.10 13.63
N LYS A 209 -19.72 -6.55 12.39
CA LYS A 209 -19.94 -7.94 12.00
C LYS A 209 -18.57 -8.50 11.64
N THR A 210 -18.22 -9.63 12.22
CA THR A 210 -17.00 -10.33 11.86
C THR A 210 -17.25 -11.59 11.04
N THR A 211 -16.28 -11.92 10.19
CA THR A 211 -16.32 -13.15 9.43
C THR A 211 -14.90 -13.60 9.19
N GLN A 212 -14.71 -14.90 9.03
CA GLN A 212 -13.47 -15.44 8.53
C GLN A 212 -13.58 -15.62 7.02
N LEU A 213 -12.47 -15.40 6.31
CA LEU A 213 -12.45 -15.45 4.86
C LEU A 213 -11.57 -16.58 4.31
N GLN A 214 -11.99 -17.14 3.17
CA GLN A 214 -11.16 -18.10 2.46
C GLN A 214 -9.94 -17.40 1.86
N PRO A 215 -8.79 -18.11 1.85
CA PRO A 215 -7.50 -17.52 1.48
C PRO A 215 -7.27 -17.32 -0.02
N SER B 11 24.05 -5.44 5.56
CA SER B 11 23.49 -4.23 4.96
C SER B 11 24.49 -3.55 4.00
N LEU B 12 24.04 -3.21 2.78
CA LEU B 12 24.94 -2.69 1.74
C LEU B 12 24.62 -1.25 1.35
N THR B 13 23.55 -0.70 1.92
CA THR B 13 23.18 0.70 1.68
C THR B 13 22.66 1.28 2.99
N GLY B 14 22.59 2.61 3.03
CA GLY B 14 21.80 3.30 4.01
C GLY B 14 20.43 3.43 3.35
N SER B 15 19.45 3.82 4.13
CA SER B 15 18.11 4.01 3.59
C SER B 15 17.90 5.48 3.21
N VAL B 16 19.00 6.24 3.11
CA VAL B 16 18.90 7.60 2.60
C VAL B 16 20.01 7.78 1.56
N ASP B 17 19.79 8.72 0.65
CA ASP B 17 20.79 9.12 -0.32
C ASP B 17 21.24 7.99 -1.26
N VAL B 18 20.35 7.06 -1.61
CA VAL B 18 20.73 6.16 -2.69
C VAL B 18 20.89 6.96 -3.98
N LEU B 19 21.68 6.43 -4.90
CA LEU B 19 21.95 7.15 -6.12
C LEU B 19 20.69 7.08 -6.99
N PHE B 20 20.46 8.12 -7.75
CA PHE B 20 19.22 8.23 -8.55
C PHE B 20 19.55 9.23 -9.66
N PRO B 21 20.44 8.83 -10.56
CA PRO B 21 20.85 9.78 -11.60
C PRO B 21 19.71 10.10 -12.55
N GLU B 22 18.75 9.20 -12.67
CA GLU B 22 17.57 9.41 -13.53
C GLU B 22 16.65 10.53 -13.06
N TYR B 23 16.82 10.97 -11.82
CA TYR B 23 16.02 12.08 -11.32
C TYR B 23 16.24 13.30 -12.18
N ASP B 24 17.48 13.53 -12.61
CA ASP B 24 17.73 14.68 -13.45
C ASP B 24 17.77 14.35 -14.93
N ASP B 25 17.74 13.07 -15.26
CA ASP B 25 17.71 12.68 -16.68
C ASP B 25 16.88 11.41 -16.90
N PRO B 26 15.56 11.54 -16.89
CA PRO B 26 14.69 10.35 -16.87
C PRO B 26 14.65 9.54 -18.16
N PRO B 27 14.58 8.20 -18.07
CA PRO B 27 14.31 7.40 -19.26
C PRO B 27 12.97 7.79 -19.89
N SER B 28 12.81 7.58 -21.19
CA SER B 28 11.57 7.99 -21.85
CA SER B 28 11.57 7.99 -21.85
C SER B 28 10.36 7.20 -21.37
N GLU B 29 10.55 5.97 -20.93
CA GLU B 29 9.45 5.11 -20.44
C GLU B 29 9.67 4.76 -18.99
N PRO B 30 8.65 4.89 -18.16
CA PRO B 30 8.86 4.61 -16.72
C PRO B 30 9.14 3.13 -16.41
N ILE B 31 8.63 2.21 -17.24
CA ILE B 31 8.87 0.80 -16.94
CA ILE B 31 8.88 0.80 -16.95
C ILE B 31 10.37 0.48 -16.97
N THR B 32 11.12 1.20 -17.81
CA THR B 32 12.57 1.02 -17.88
C THR B 32 13.18 1.32 -16.50
N LEU B 33 12.70 2.39 -15.85
CA LEU B 33 13.24 2.81 -14.56
C LEU B 33 12.76 1.86 -13.46
N LEU B 34 11.52 1.41 -13.57
CA LEU B 34 11.01 0.41 -12.62
C LEU B 34 11.89 -0.82 -12.61
N LYS B 35 12.24 -1.32 -13.78
CA LYS B 35 13.08 -2.50 -13.85
C LYS B 35 14.47 -2.25 -13.28
N ARG B 36 15.01 -1.06 -13.53
CA ARG B 36 16.34 -0.75 -13.01
C ARG B 36 16.31 -0.73 -11.50
N TRP B 37 15.28 -0.10 -10.93
CA TRP B 37 15.13 -0.02 -9.52
C TRP B 37 14.98 -1.40 -8.88
N LEU B 38 14.18 -2.27 -9.51
CA LEU B 38 14.00 -3.62 -8.98
C LEU B 38 15.32 -4.42 -9.01
N ALA B 39 16.11 -4.19 -10.04
CA ALA B 39 17.38 -4.93 -10.14
C ALA B 39 18.33 -4.41 -9.06
N THR B 40 18.31 -3.11 -8.80
CA THR B 40 19.20 -2.57 -7.78
C THR B 40 18.73 -3.03 -6.39
N ALA B 41 17.42 -3.15 -6.24
CA ALA B 41 16.85 -3.62 -4.99
C ALA B 41 17.36 -5.01 -4.64
N ASP B 42 17.54 -5.87 -5.65
CA ASP B 42 18.10 -7.18 -5.40
C ASP B 42 19.58 -7.12 -5.00
N VAL B 43 20.35 -6.25 -5.64
CA VAL B 43 21.74 -6.04 -5.20
C VAL B 43 21.81 -5.53 -3.76
N ALA B 44 20.88 -4.67 -3.37
CA ALA B 44 20.82 -4.13 -2.01
C ALA B 44 20.23 -5.10 -1.01
N ARG B 45 19.82 -6.27 -1.47
CA ARG B 45 19.25 -7.32 -0.60
C ARG B 45 17.97 -6.84 0.13
N VAL B 46 17.15 -6.11 -0.60
CA VAL B 46 15.83 -5.76 -0.11
C VAL B 46 14.98 -7.02 0.13
N ARG B 47 14.36 -7.09 1.31
CA ARG B 47 13.44 -8.21 1.63
C ARG B 47 12.08 -8.03 0.95
N GLU B 48 11.68 -9.05 0.17
CA GLU B 48 10.38 -9.07 -0.54
C GLU B 48 10.13 -7.76 -1.31
N PRO B 49 11.01 -7.47 -2.27
CA PRO B 49 10.85 -6.22 -3.02
C PRO B 49 9.57 -6.19 -3.86
N LYS B 50 9.00 -7.35 -4.19
CA LYS B 50 7.86 -7.38 -5.12
CA LYS B 50 7.87 -7.39 -5.12
C LYS B 50 6.52 -7.35 -4.42
N ALA B 51 6.53 -7.14 -3.10
CA ALA B 51 5.28 -7.04 -2.33
C ALA B 51 4.60 -5.72 -2.60
N LEU B 52 3.57 -5.76 -3.45
CA LEU B 52 2.92 -4.59 -3.94
C LEU B 52 1.62 -4.36 -3.16
N ALA B 53 1.46 -3.18 -2.57
CA ALA B 53 0.19 -2.84 -1.93
C ALA B 53 -0.78 -2.39 -3.00
N LEU B 54 -1.71 -3.29 -3.37
CA LEU B 54 -2.65 -3.06 -4.46
C LEU B 54 -4.01 -2.55 -3.97
N ALA B 55 -4.38 -1.35 -4.42
CA ALA B 55 -5.64 -0.71 -4.06
C ALA B 55 -6.60 -0.72 -5.24
N THR B 56 -7.85 -1.04 -4.94
CA THR B 56 -8.94 -1.10 -5.91
C THR B 56 -10.15 -0.42 -5.22
N ALA B 57 -11.19 -0.11 -5.99
CA ALA B 57 -12.37 0.50 -5.42
C ALA B 57 -13.66 -0.07 -5.99
N THR B 58 -14.70 0.00 -5.16
CA THR B 58 -16.02 -0.43 -5.56
C THR B 58 -16.77 0.76 -6.15
N SER B 59 -17.98 0.48 -6.64
CA SER B 59 -18.72 1.47 -7.41
C SER B 59 -18.96 2.79 -6.68
N ASP B 60 -19.18 2.73 -5.37
CA ASP B 60 -19.43 3.94 -4.61
C ASP B 60 -18.15 4.66 -4.21
N GLY B 61 -16.98 4.15 -4.61
CA GLY B 61 -15.75 4.86 -4.30
C GLY B 61 -15.03 4.34 -3.09
N ARG B 62 -15.59 3.37 -2.37
CA ARG B 62 -14.87 2.79 -1.22
C ARG B 62 -13.66 2.03 -1.71
N ILE B 63 -12.51 2.27 -1.07
CA ILE B 63 -11.26 1.70 -1.51
C ILE B 63 -10.88 0.55 -0.59
N SER B 64 -10.30 -0.50 -1.18
CA SER B 64 -9.76 -1.63 -0.43
C SER B 64 -8.32 -1.89 -0.91
N SER B 65 -7.54 -2.58 -0.10
CA SER B 65 -6.14 -2.82 -0.40
CA SER B 65 -6.14 -2.82 -0.39
C SER B 65 -5.68 -4.14 0.19
N ARG B 66 -4.65 -4.72 -0.42
CA ARG B 66 -4.02 -5.94 0.01
C ARG B 66 -2.68 -6.08 -0.68
N VAL B 67 -1.81 -6.88 -0.10
CA VAL B 67 -0.56 -7.17 -0.73
C VAL B 67 -0.70 -8.26 -1.82
N ILE B 68 -0.06 -8.00 -2.94
CA ILE B 68 0.10 -8.95 -4.04
C ILE B 68 1.59 -9.04 -4.35
N ALA B 69 2.12 -10.24 -4.57
CA ALA B 69 3.48 -10.33 -5.08
C ALA B 69 3.40 -10.55 -6.57
N PHE B 70 3.84 -9.58 -7.36
CA PHE B 70 3.67 -9.67 -8.81
C PHE B 70 4.58 -10.73 -9.42
N SER B 71 4.12 -11.34 -10.51
CA SER B 71 4.83 -12.42 -11.18
C SER B 71 5.99 -11.92 -12.01
N SER B 72 5.73 -10.89 -12.80
CA SER B 72 6.71 -10.39 -13.74
C SER B 72 6.33 -9.00 -14.22
N ILE B 73 7.25 -8.40 -15.00
CA ILE B 73 7.02 -7.11 -15.60
C ILE B 73 7.39 -7.20 -17.05
N ASP B 74 6.47 -6.84 -17.92
CA ASP B 74 6.80 -6.74 -19.34
C ASP B 74 6.78 -5.27 -19.76
N ASP B 75 6.94 -5.01 -21.04
CA ASP B 75 7.06 -3.62 -21.50
C ASP B 75 5.80 -2.79 -21.33
N ARG B 76 4.68 -3.41 -21.00
CA ARG B 76 3.44 -2.69 -20.86
C ARG B 76 2.93 -2.60 -19.41
N GLY B 77 3.50 -3.38 -18.50
CA GLY B 77 3.04 -3.30 -17.13
C GLY B 77 3.41 -4.48 -16.26
N VAL B 78 2.77 -4.52 -15.11
CA VAL B 78 3.08 -5.44 -14.04
C VAL B 78 2.04 -6.57 -13.99
N ILE B 79 2.52 -7.81 -14.08
CA ILE B 79 1.63 -8.96 -14.21
C ILE B 79 1.45 -9.60 -12.86
N PHE B 80 0.20 -9.86 -12.50
CA PHE B 80 -0.10 -10.61 -11.25
C PHE B 80 -1.26 -11.56 -11.47
N CYS B 81 -1.42 -12.51 -10.57
CA CYS B 81 -2.54 -13.47 -10.61
CA CYS B 81 -2.57 -13.41 -10.63
C CYS B 81 -3.41 -13.39 -9.35
N THR B 82 -4.69 -13.71 -9.50
CA THR B 82 -5.58 -13.69 -8.37
C THR B 82 -6.87 -14.41 -8.76
N HIS B 83 -7.84 -14.47 -7.85
CA HIS B 83 -9.13 -15.05 -8.18
C HIS B 83 -10.05 -13.95 -8.66
N SER B 84 -10.67 -14.14 -9.81
CA SER B 84 -11.54 -13.10 -10.38
C SER B 84 -12.73 -12.81 -9.49
N THR B 85 -13.06 -13.77 -8.63
CA THR B 85 -14.23 -13.65 -7.75
C THR B 85 -13.88 -13.16 -6.36
N SER B 86 -12.61 -12.84 -6.17
CA SER B 86 -12.18 -12.24 -4.91
C SER B 86 -12.70 -10.81 -4.84
N ARG B 87 -12.47 -10.14 -3.73
CA ARG B 87 -12.89 -8.75 -3.60
C ARG B 87 -12.18 -7.89 -4.62
N LYS B 88 -10.87 -8.08 -4.78
CA LYS B 88 -10.13 -7.24 -5.72
C LYS B 88 -10.61 -7.52 -7.14
N GLY B 89 -10.96 -8.78 -7.39
CA GLY B 89 -11.32 -9.19 -8.74
C GLY B 89 -12.65 -8.56 -9.13
N ARG B 90 -13.59 -8.56 -8.19
CA ARG B 90 -14.88 -7.94 -8.44
C ARG B 90 -14.71 -6.44 -8.61
N GLU B 91 -13.86 -5.83 -7.78
CA GLU B 91 -13.68 -4.36 -7.88
C GLU B 91 -13.02 -3.97 -9.21
N LEU B 92 -12.01 -4.73 -9.63
CA LEU B 92 -11.38 -4.48 -10.92
C LEU B 92 -12.38 -4.58 -12.07
N THR B 93 -13.26 -5.56 -12.01
CA THR B 93 -14.29 -5.69 -13.04
C THR B 93 -15.24 -4.51 -13.04
N GLU B 94 -15.60 -4.03 -11.85
CA GLU B 94 -16.56 -2.93 -11.69
C GLU B 94 -16.00 -1.59 -12.18
N THR B 95 -14.78 -1.28 -11.75
CA THR B 95 -14.28 0.09 -11.89
C THR B 95 -12.96 0.23 -12.66
N GLY B 96 -12.21 -0.86 -12.81
CA GLY B 96 -10.99 -0.87 -13.63
C GLY B 96 -9.73 -0.25 -13.04
N TRP B 97 -9.88 0.92 -12.43
CA TRP B 97 -8.73 1.66 -11.91
C TRP B 97 -8.08 0.90 -10.75
N ALA B 98 -6.75 0.94 -10.71
CA ALA B 98 -6.01 0.37 -9.59
C ALA B 98 -4.74 1.15 -9.35
N SER B 99 -4.19 1.00 -8.16
CA SER B 99 -2.91 1.62 -7.84
C SER B 99 -2.10 0.64 -7.05
N GLY B 100 -0.81 0.53 -7.35
CA GLY B 100 0.05 -0.34 -6.60
C GLY B 100 1.21 0.44 -6.01
N LEU B 101 1.64 0.09 -4.80
CA LEU B 101 2.73 0.80 -4.15
C LEU B 101 3.78 -0.20 -3.71
N LEU B 102 5.03 0.04 -4.09
CA LEU B 102 6.20 -0.69 -3.57
C LEU B 102 6.93 0.20 -2.61
N TYR B 103 7.42 -0.37 -1.51
CA TYR B 103 8.19 0.41 -0.55
C TYR B 103 9.25 -0.45 0.02
N TRP B 104 10.48 0.03 -0.12
CA TRP B 104 11.68 -0.70 0.29
C TRP B 104 12.38 0.04 1.43
N ARG B 105 12.20 -0.46 2.64
CA ARG B 105 12.74 0.20 3.83
C ARG B 105 14.26 0.30 3.75
N GLU B 106 14.89 -0.69 3.15
CA GLU B 106 16.36 -0.78 3.16
C GLU B 106 17.03 0.33 2.35
N THR B 107 16.38 0.81 1.29
CA THR B 107 16.92 1.84 0.44
C THR B 107 16.16 3.15 0.47
N GLY B 108 15.12 3.23 1.28
CA GLY B 108 14.32 4.43 1.31
C GLY B 108 13.71 4.77 -0.02
N GLN B 109 13.11 3.77 -0.68
CA GLN B 109 12.49 4.01 -2.00
C GLN B 109 11.05 3.56 -2.04
N GLN B 110 10.23 4.33 -2.71
CA GLN B 110 8.88 3.87 -3.00
C GLN B 110 8.59 4.08 -4.50
N ILE B 111 7.71 3.23 -5.03
CA ILE B 111 7.26 3.38 -6.39
C ILE B 111 5.76 3.23 -6.41
N MET B 112 5.09 4.21 -7.00
CA MET B 112 3.64 4.20 -7.12
CA MET B 112 3.65 4.18 -7.11
C MET B 112 3.29 3.95 -8.57
N ILE B 113 2.40 3.01 -8.83
CA ILE B 113 1.98 2.63 -10.18
C ILE B 113 0.49 2.75 -10.22
N SER B 114 -0.03 3.74 -10.92
CA SER B 114 -1.48 3.91 -11.01
CA SER B 114 -1.48 3.97 -11.01
C SER B 114 -1.92 3.69 -12.44
N GLY B 115 -2.96 2.86 -12.61
CA GLY B 115 -3.36 2.49 -13.93
C GLY B 115 -4.66 1.72 -13.95
N GLN B 116 -4.79 0.89 -14.96
CA GLN B 116 -5.88 -0.05 -15.10
C GLN B 116 -5.35 -1.47 -15.19
N ALA B 117 -6.10 -2.40 -14.61
CA ALA B 117 -5.71 -3.80 -14.67
C ALA B 117 -6.39 -4.44 -15.87
N VAL B 118 -5.60 -4.91 -16.81
CA VAL B 118 -6.15 -5.50 -18.03
C VAL B 118 -6.07 -7.02 -17.94
N PRO B 119 -7.20 -7.68 -18.13
CA PRO B 119 -7.14 -9.15 -18.00
C PRO B 119 -6.25 -9.75 -19.07
N LEU B 120 -5.44 -10.76 -18.72
CA LEU B 120 -4.67 -11.51 -19.71
C LEU B 120 -5.54 -12.46 -20.52
N GLU B 121 -4.98 -12.94 -21.63
CA GLU B 121 -5.63 -13.93 -22.49
C GLU B 121 -5.64 -15.29 -21.79
N GLU B 122 -6.52 -16.20 -22.22
CA GLU B 122 -6.65 -17.48 -21.55
C GLU B 122 -5.37 -18.30 -21.68
N SER B 123 -4.70 -18.23 -22.82
CA SER B 123 -3.45 -18.97 -22.99
C SER B 123 -2.39 -18.49 -22.01
N GLU B 124 -2.35 -17.18 -21.74
CA GLU B 124 -1.46 -16.64 -20.73
C GLU B 124 -1.85 -17.15 -19.34
N ASN B 125 -3.14 -17.18 -19.04
CA ASN B 125 -3.59 -17.68 -17.73
C ASN B 125 -3.19 -19.14 -17.55
N ASP B 126 -3.31 -19.93 -18.61
CA ASP B 126 -2.96 -21.34 -18.51
C ASP B 126 -1.47 -21.47 -18.17
N LYS B 127 -0.63 -20.67 -18.81
CA LYS B 127 0.80 -20.75 -18.58
C LYS B 127 1.12 -20.39 -17.13
N LEU B 128 0.45 -19.37 -16.61
CA LEU B 128 0.70 -18.93 -15.25
C LEU B 128 0.32 -20.00 -14.25
N TRP B 129 -0.81 -20.66 -14.50
CA TRP B 129 -1.23 -21.76 -13.63
C TRP B 129 -0.24 -22.92 -13.71
N PHE B 130 0.26 -23.24 -14.91
CA PHE B 130 1.24 -24.32 -15.07
C PHE B 130 2.54 -24.08 -14.30
N GLY B 131 2.94 -22.82 -14.17
CA GLY B 131 4.17 -22.52 -13.48
C GLY B 131 4.10 -22.62 -11.97
N ARG B 132 2.94 -23.01 -11.44
CA ARG B 132 2.79 -23.11 -10.00
C ARG B 132 2.88 -24.56 -9.52
N SER B 133 3.10 -24.74 -8.23
CA SER B 133 3.29 -26.05 -7.64
C SER B 133 1.94 -26.74 -7.47
N VAL B 134 1.94 -28.06 -7.31
CA VAL B 134 0.70 -28.78 -7.12
C VAL B 134 0.03 -28.41 -5.79
N PRO B 135 0.83 -28.21 -4.73
CA PRO B 135 0.17 -27.73 -3.50
C PRO B 135 -0.53 -26.38 -3.64
N MET B 136 0.07 -25.48 -4.42
CA MET B 136 -0.59 -24.21 -4.72
C MET B 136 -1.89 -24.49 -5.51
N HIS B 137 -1.82 -25.38 -6.50
CA HIS B 137 -3.01 -25.73 -7.29
C HIS B 137 -4.11 -26.24 -6.39
N ALA B 138 -3.74 -27.08 -5.45
CA ALA B 138 -4.74 -27.75 -4.62
C ALA B 138 -5.44 -26.72 -3.72
N MET B 139 -4.70 -25.82 -3.09
CA MET B 139 -5.34 -24.87 -2.20
C MET B 139 -6.13 -23.83 -3.01
N SER B 140 -5.57 -23.40 -4.14
CA SER B 140 -6.23 -22.42 -4.99
CA SER B 140 -6.23 -22.42 -4.99
C SER B 140 -7.53 -22.99 -5.57
N SER B 141 -7.56 -24.30 -5.82
CA SER B 141 -8.76 -24.94 -6.35
C SER B 141 -9.82 -25.12 -5.25
N ALA B 142 -9.36 -25.44 -4.04
CA ALA B 142 -10.22 -25.71 -2.90
C ALA B 142 -10.82 -24.45 -2.28
N SER B 143 -10.14 -23.33 -2.50
CA SER B 143 -10.54 -22.05 -1.93
C SER B 143 -11.22 -21.14 -2.94
N HIS B 144 -12.31 -20.50 -2.51
CA HIS B 144 -12.91 -19.39 -3.24
C HIS B 144 -12.48 -18.11 -2.55
N GLN B 145 -11.41 -17.52 -3.06
CA GLN B 145 -10.73 -16.44 -2.34
C GLN B 145 -11.68 -15.33 -1.95
N SER B 146 -11.67 -15.01 -0.65
CA SER B 146 -12.40 -13.88 -0.07
C SER B 146 -13.90 -14.15 0.23
N ASP B 147 -14.41 -15.30 -0.20
CA ASP B 147 -15.74 -15.68 0.20
C ASP B 147 -15.66 -16.10 1.66
N GLU B 148 -16.80 -16.13 2.36
CA GLU B 148 -16.81 -16.55 3.75
C GLU B 148 -16.32 -17.98 3.91
N LEU B 149 -15.47 -18.18 4.92
CA LEU B 149 -14.99 -19.52 5.26
C LEU B 149 -15.93 -20.09 6.30
N VAL B 150 -16.63 -21.16 5.93
CA VAL B 150 -17.62 -21.74 6.81
C VAL B 150 -17.03 -22.94 7.54
N ASP B 151 -16.19 -23.69 6.85
CA ASP B 151 -15.62 -24.89 7.45
C ASP B 151 -14.15 -25.07 7.06
N ARG B 152 -13.27 -24.65 7.96
CA ARG B 152 -11.83 -24.60 7.71
C ARG B 152 -11.23 -26.00 7.52
N GLU B 153 -11.60 -26.94 8.39
CA GLU B 153 -11.05 -28.29 8.27
C GLU B 153 -11.47 -28.96 6.99
N ALA B 154 -12.71 -28.73 6.56
CA ALA B 154 -13.19 -29.26 5.28
C ALA B 154 -12.36 -28.73 4.13
N LEU B 155 -12.07 -27.43 4.14
CA LEU B 155 -11.25 -26.83 3.10
C LEU B 155 -9.86 -27.48 3.10
N ARG B 156 -9.24 -27.55 4.27
CA ARG B 156 -7.93 -28.20 4.38
C ARG B 156 -7.98 -29.62 3.82
N ALA B 157 -9.02 -30.36 4.21
CA ALA B 157 -9.15 -31.76 3.78
C ALA B 157 -9.33 -31.89 2.26
N HIS B 158 -10.07 -30.97 1.66
CA HIS B 158 -10.30 -31.05 0.21
C HIS B 158 -9.02 -30.73 -0.55
N ALA B 159 -8.24 -29.79 -0.04
CA ALA B 159 -6.97 -29.50 -0.68
C ALA B 159 -6.06 -30.72 -0.64
N ALA B 160 -6.04 -31.40 0.50
CA ALA B 160 -5.25 -32.62 0.65
C ALA B 160 -5.69 -33.73 -0.33
N GLU B 161 -7.00 -33.89 -0.49
CA GLU B 161 -7.55 -34.87 -1.44
C GLU B 161 -7.09 -34.61 -2.86
N LEU B 162 -7.12 -33.34 -3.27
CA LEU B 162 -6.72 -32.99 -4.64
C LEU B 162 -5.26 -33.32 -4.86
N LEU B 163 -4.43 -33.02 -3.88
CA LEU B 163 -3.01 -33.33 -4.00
C LEU B 163 -2.77 -34.85 -4.11
N ALA B 164 -3.53 -35.64 -3.36
CA ALA B 164 -3.33 -37.08 -3.32
C ALA B 164 -3.75 -37.82 -4.60
N LEU B 165 -4.65 -37.24 -5.38
CA LEU B 165 -5.11 -37.88 -6.61
C LEU B 165 -3.94 -38.16 -7.54
N GLY B 166 -3.06 -37.18 -7.70
CA GLY B 166 -1.93 -37.30 -8.60
C GLY B 166 -2.28 -37.06 -10.05
N VAL B 167 -3.45 -36.50 -10.29
CA VAL B 167 -3.86 -36.10 -11.62
CA VAL B 167 -3.85 -36.10 -11.62
C VAL B 167 -3.57 -34.61 -11.79
N ALA B 168 -3.34 -34.19 -13.03
CA ALA B 168 -3.15 -32.77 -13.31
C ALA B 168 -4.42 -32.01 -12.97
N LEU B 169 -4.31 -30.98 -12.16
CA LEU B 169 -5.50 -30.22 -11.73
C LEU B 169 -5.80 -29.12 -12.73
N PRO B 170 -7.06 -29.06 -13.19
CA PRO B 170 -7.37 -28.03 -14.19
C PRO B 170 -7.35 -26.63 -13.57
N ARG B 171 -7.09 -25.64 -14.40
CA ARG B 171 -7.13 -24.27 -13.93
C ARG B 171 -8.56 -23.86 -13.67
N PRO B 172 -8.92 -23.52 -12.42
CA PRO B 172 -10.27 -22.99 -12.20
C PRO B 172 -10.48 -21.73 -13.00
N PRO B 173 -11.66 -21.52 -13.58
CA PRO B 173 -11.89 -20.32 -14.41
C PRO B 173 -11.64 -19.03 -13.64
N ARG B 174 -11.80 -19.05 -12.32
CA ARG B 174 -11.58 -17.83 -11.52
C ARG B 174 -10.12 -17.48 -11.38
N PHE B 175 -9.23 -18.44 -11.62
CA PHE B 175 -7.80 -18.11 -11.52
C PHE B 175 -7.34 -17.45 -12.80
N VAL B 176 -7.02 -16.16 -12.71
CA VAL B 176 -6.71 -15.36 -13.87
C VAL B 176 -5.52 -14.44 -13.63
N GLY B 177 -4.91 -13.98 -14.70
CA GLY B 177 -3.86 -12.97 -14.60
C GLY B 177 -4.36 -11.63 -15.08
N TYR B 178 -3.73 -10.57 -14.57
CA TYR B 178 -3.99 -9.19 -15.00
C TYR B 178 -2.66 -8.52 -15.27
N ARG B 179 -2.66 -7.55 -16.18
CA ARG B 179 -1.55 -6.62 -16.32
C ARG B 179 -1.97 -5.25 -15.81
N LEU B 180 -1.25 -4.73 -14.82
CA LEU B 180 -1.45 -3.38 -14.36
C LEU B 180 -0.66 -2.49 -15.28
N GLU B 181 -1.37 -1.78 -16.15
CA GLU B 181 -0.76 -0.90 -17.14
C GLU B 181 -0.84 0.54 -16.66
N PRO B 182 0.31 1.17 -16.44
CA PRO B 182 0.27 2.48 -15.79
C PRO B 182 -0.13 3.59 -16.72
N HIS B 183 -0.87 4.58 -16.19
CA HIS B 183 -0.95 5.91 -16.82
C HIS B 183 -0.19 6.94 -16.00
N GLU B 184 0.31 6.54 -14.83
CA GLU B 184 1.04 7.46 -13.96
C GLU B 184 1.94 6.63 -13.08
N MET B 185 3.19 7.05 -12.91
CA MET B 185 4.09 6.45 -11.92
C MET B 185 4.87 7.50 -11.17
N GLU B 186 5.17 7.25 -9.90
CA GLU B 186 6.09 8.12 -9.19
C GLU B 186 7.18 7.30 -8.58
N PHE B 187 8.38 7.85 -8.67
CA PHE B 187 9.58 7.27 -8.08
C PHE B 187 10.02 8.21 -6.99
N TRP B 188 10.16 7.69 -5.78
CA TRP B 188 10.53 8.49 -4.59
C TRP B 188 11.75 7.89 -3.90
N ALA B 189 12.75 8.73 -3.59
CA ALA B 189 13.94 8.24 -2.92
C ALA B 189 14.32 9.20 -1.81
N ALA B 190 14.42 8.68 -0.61
CA ALA B 190 14.68 9.48 0.59
C ALA B 190 16.06 10.13 0.50
N SER B 191 16.15 11.32 1.10
CA SER B 191 17.38 12.10 1.23
C SER B 191 17.57 12.44 2.66
N SER B 192 18.81 12.36 3.15
CA SER B 192 19.05 12.72 4.55
C SER B 192 18.74 14.18 4.88
N ASP B 193 18.84 15.10 3.91
CA ASP B 193 18.53 16.53 4.16
C ASP B 193 17.02 16.79 4.04
N ARG B 194 16.24 15.72 3.86
CA ARG B 194 14.77 15.77 3.79
CA ARG B 194 14.77 15.77 3.80
C ARG B 194 14.20 16.31 2.47
N LEU B 195 15.07 16.71 1.53
CA LEU B 195 14.56 17.13 0.22
C LEU B 195 14.53 15.87 -0.64
N HIS B 196 13.51 15.05 -0.40
CA HIS B 196 13.48 13.76 -1.06
C HIS B 196 13.36 13.93 -2.57
N ARG B 197 13.89 12.96 -3.32
CA ARG B 197 13.83 12.97 -4.78
C ARG B 197 12.52 12.38 -5.20
N ARG B 198 11.73 13.15 -5.95
CA ARG B 198 10.40 12.74 -6.39
C ARG B 198 10.27 12.98 -7.87
N LEU B 199 10.10 11.90 -8.63
CA LEU B 199 9.97 11.98 -10.08
C LEU B 199 8.66 11.38 -10.48
N ARG B 200 7.81 12.20 -11.06
CA ARG B 200 6.50 11.78 -11.54
C ARG B 200 6.47 11.64 -13.05
N TYR B 201 5.98 10.49 -13.51
CA TYR B 201 5.65 10.24 -14.91
C TYR B 201 4.15 10.25 -15.13
N GLU B 202 3.69 10.97 -16.14
CA GLU B 202 2.26 10.95 -16.49
C GLU B 202 2.11 10.70 -17.97
N ARG B 203 1.15 9.87 -18.35
CA ARG B 203 0.95 9.57 -19.76
C ARG B 203 0.47 10.81 -20.46
N ASP B 204 1.00 11.01 -21.66
CA ASP B 204 0.71 12.17 -22.49
C ASP B 204 0.56 11.70 -23.95
N GLY B 205 -0.58 11.10 -24.26
CA GLY B 205 -0.77 10.48 -25.55
C GLY B 205 0.12 9.25 -25.65
N ASN B 206 0.90 9.19 -26.71
CA ASN B 206 1.79 8.06 -26.94
C ASN B 206 3.09 8.23 -26.20
N ASP B 207 3.23 9.36 -25.50
CA ASP B 207 4.48 9.67 -24.82
C ASP B 207 4.25 9.86 -23.34
N TRP B 208 5.33 10.16 -22.63
CA TRP B 208 5.25 10.42 -21.20
C TRP B 208 5.80 11.80 -20.90
N LYS B 209 5.19 12.45 -19.91
CA LYS B 209 5.68 13.73 -19.35
C LYS B 209 6.23 13.49 -17.94
N THR B 210 7.37 14.10 -17.63
CA THR B 210 7.92 14.01 -16.29
C THR B 210 7.97 15.37 -15.56
N THR B 211 7.86 15.27 -14.25
CA THR B 211 7.94 16.41 -13.35
CA THR B 211 7.96 16.42 -13.36
C THR B 211 8.68 16.02 -12.08
N GLN B 212 9.46 16.94 -11.51
CA GLN B 212 10.01 16.75 -10.18
C GLN B 212 9.08 17.43 -9.18
N LEU B 213 8.85 16.80 -8.05
CA LEU B 213 7.88 17.29 -7.05
C LEU B 213 8.55 17.71 -5.75
N GLN B 214 7.93 18.66 -5.05
CA GLN B 214 8.37 19.03 -3.71
C GLN B 214 7.98 17.95 -2.70
N PRO B 215 8.85 17.70 -1.71
CA PRO B 215 8.66 16.62 -0.74
C PRO B 215 7.60 16.90 0.33
N1 FMN C . 4.02 12.19 3.92
C2 FMN C . 3.15 12.89 4.71
O2 FMN C . 2.54 13.83 4.26
N3 FMN C . 2.93 12.48 6.00
C4 FMN C . 3.62 11.42 6.53
O4 FMN C . 3.39 11.09 7.71
C4A FMN C . 4.52 10.73 5.75
N5 FMN C . 5.26 9.68 6.27
C5A FMN C . 6.13 8.98 5.43
C6 FMN C . 6.83 7.91 5.95
C7 FMN C . 7.69 7.19 5.14
C7M FMN C . 8.42 6.04 5.75
C8 FMN C . 7.87 7.56 3.81
C8M FMN C . 8.78 6.77 2.92
C9 FMN C . 7.17 8.62 3.29
C9A FMN C . 6.33 9.37 4.11
N10 FMN C . 5.60 10.49 3.61
C10 FMN C . 4.73 11.14 4.44
C1' FMN C . 5.73 11.00 2.21
C2' FMN C . 4.65 10.40 1.32
O2' FMN C . 4.95 9.03 0.97
C3' FMN C . 4.47 11.18 0.01
O3' FMN C . 5.71 11.24 -0.64
C4' FMN C . 3.91 12.60 0.29
O4' FMN C . 3.08 12.57 1.43
C5' FMN C . 3.22 13.18 -0.94
O5' FMN C . 2.22 12.30 -1.39
P FMN C . 1.11 12.78 -2.46
O1P FMN C . 0.15 13.69 -1.74
O2P FMN C . 1.84 13.54 -3.57
O3P FMN C . 0.43 11.54 -2.89
HN3 FMN C . 2.22 12.99 6.58
H6 FMN C . 6.72 7.64 7.00
HM71 FMN C . 9.08 5.59 4.99
HM72 FMN C . 7.72 5.30 6.09
HM73 FMN C . 9.02 6.40 6.58
HM81 FMN C . 8.75 7.20 1.91
HM82 FMN C . 9.79 6.82 3.30
HM83 FMN C . 8.45 5.74 2.88
H9 FMN C . 7.27 8.88 2.24
H1'1 FMN C . 6.71 10.74 1.83
H1'2 FMN C . 5.63 12.08 2.22
H2' FMN C . 3.70 10.43 1.85
HO2' FMN C . 4.96 8.93 0.00
H3' FMN C . 3.75 10.66 -0.60
HO3' FMN C . 5.97 12.17 -0.79
H4' FMN C . 4.76 13.25 0.51
HO4' FMN C . 2.19 12.94 1.20
H5'1 FMN C . 2.79 14.14 -0.69
H5'2 FMN C . 3.96 13.33 -1.73
N1 FMN D . -3.22 -12.88 -3.31
C2 FMN D . -3.40 -13.12 -4.65
O2 FMN D . -4.56 -13.30 -5.05
N3 FMN D . -2.32 -13.15 -5.51
C4 FMN D . -1.04 -12.93 -5.06
O4 FMN D . -0.10 -12.95 -5.87
C4A FMN D . -0.84 -12.69 -3.70
N5 FMN D . 0.43 -12.50 -3.22
C5A FMN D . 0.61 -12.22 -1.86
C6 FMN D . 1.89 -11.98 -1.39
C7 FMN D . 2.09 -11.67 -0.04
C7M FMN D . 3.49 -11.44 0.47
C8 FMN D . 0.99 -11.65 0.82
C8M FMN D . 1.19 -11.34 2.27
C9 FMN D . -0.30 -11.89 0.34
C9A FMN D . -0.49 -12.16 -1.00
N10 FMN D . -1.78 -12.44 -1.48
C10 FMN D . -1.94 -12.66 -2.82
C1' FMN D . -2.98 -12.41 -0.58
C2' FMN D . -3.64 -11.05 -0.59
O2' FMN D . -2.93 -10.17 0.27
C3' FMN D . -5.10 -11.10 -0.16
O3' FMN D . -5.27 -11.83 1.05
C4' FMN D . -5.97 -11.67 -1.27
O4' FMN D . -5.51 -11.81 -2.59
C5' FMN D . -7.45 -11.49 -1.05
O5' FMN D . -7.63 -10.12 -1.33
P FMN D . -9.09 -9.43 -1.49
O1P FMN D . -9.46 -9.68 -2.92
O2P FMN D . -10.02 -10.10 -0.48
O3P FMN D . -8.83 -7.96 -1.18
HN3 FMN D . -2.48 -13.35 -6.53
H6 FMN D . 2.74 -12.03 -2.07
HM71 FMN D . 3.46 -11.26 1.54
HM72 FMN D . 3.93 -10.57 -0.03
HM73 FMN D . 4.11 -12.32 0.27
HM81 FMN D . 0.22 -11.35 2.79
HM82 FMN D . 1.64 -10.35 2.39
HM83 FMN D . 1.84 -12.10 2.73
H9 FMN D . -1.16 -11.77 0.99
H1'1 FMN D . -3.70 -13.15 -0.90
H1'2 FMN D . -2.68 -12.65 0.44
H2' FMN D . -3.60 -10.66 -1.60
HO2' FMN D . -3.55 -9.81 0.95
H3' FMN D . -5.42 -10.07 0.02
HO3' FMN D . -5.93 -12.55 0.91
H4' FMN D . -6.03 -10.62 -1.55
HO4' FMN D . -6.27 -11.75 -3.21
H5'1 FMN D . -7.73 -11.72 -0.02
H5'2 FMN D . -8.03 -12.11 -1.74
#